data_3TFY
#
_entry.id   3TFY
#
_cell.length_a   48.299
_cell.length_b   104.103
_cell.length_c   68.247
_cell.angle_alpha   90.00
_cell.angle_beta   106.29
_cell.angle_gamma   90.00
#
_symmetry.space_group_name_H-M   'P 1 21 1'
#
loop_
_entity.id
_entity.type
_entity.pdbx_description
1 polymer 'N-alpha-acetyltransferase 50, NatE catalytic subunit'
2 polymer 'hnRNP F'
3 non-polymer 'COENZYME A'
4 water water
#
loop_
_entity_poly.entity_id
_entity_poly.type
_entity_poly.pdbx_seq_one_letter_code
_entity_poly.pdbx_strand_id
1 'polypeptide(L)'
;MKGSRIELGDVTPHNIKQLKRLNQVIFPVSYNDKFYKDVLEVGELAKLAYFNDIAVGAVCCRVDHSQNQKRLYIMTLGCL
APYRRLGIGTKMLNHVLNICEKDGTFDNIYLHVQISNESAIDFYRKFGFEIIETKKNYYKRIEPADAHVLQKNLKVPSGQ
NADVQKTDN
;
A,B,C
2 'polypeptide(L)' MLGPEGGRWG D,E,F
#
loop_
_chem_comp.id
_chem_comp.type
_chem_comp.name
_chem_comp.formula
COA non-polymer 'COENZYME A' 'C21 H36 N7 O16 P3 S'
#
# COMPACT_ATOMS: atom_id res chain seq x y z
N MET A 1 11.24 -4.03 -6.66
CA MET A 1 11.51 -2.65 -6.25
C MET A 1 10.66 -1.59 -6.96
N LYS A 2 10.22 -1.90 -8.18
CA LYS A 2 9.48 -0.91 -8.98
C LYS A 2 8.09 -1.35 -9.44
N GLY A 3 7.11 -0.49 -9.18
CA GLY A 3 5.72 -0.76 -9.49
C GLY A 3 4.98 -1.38 -8.31
N SER A 4 5.72 -1.54 -7.22
CA SER A 4 5.20 -2.09 -5.97
C SER A 4 4.17 -1.16 -5.36
N ARG A 5 3.13 -1.74 -4.78
CA ARG A 5 2.08 -0.96 -4.14
C ARG A 5 2.36 -0.74 -2.65
N ILE A 6 3.47 -1.29 -2.18
CA ILE A 6 3.81 -1.24 -0.77
C ILE A 6 4.97 -0.29 -0.44
N GLU A 7 4.74 0.59 0.53
CA GLU A 7 5.77 1.50 1.03
C GLU A 7 5.72 1.51 2.55
N LEU A 8 6.88 1.71 3.18
CA LEU A 8 6.93 1.92 4.63
C LEU A 8 7.03 3.41 4.92
N GLY A 9 6.55 3.82 6.08
CA GLY A 9 6.68 5.21 6.51
C GLY A 9 7.12 5.32 7.95
N ASP A 10 7.72 6.46 8.30
CA ASP A 10 8.07 6.77 9.68
C ASP A 10 6.82 6.83 10.53
N VAL A 11 6.94 6.37 11.78
CA VAL A 11 5.91 6.62 12.78
C VAL A 11 6.15 7.98 13.46
N THR A 12 5.09 8.75 13.64
CA THR A 12 5.19 10.08 14.23
C THR A 12 4.05 10.30 15.19
N PRO A 13 4.16 11.34 16.02
CA PRO A 13 3.04 11.65 16.91
C PRO A 13 1.77 11.82 16.10
N HIS A 14 1.90 12.27 14.87
CA HIS A 14 0.74 12.50 14.03
C HIS A 14 0.03 11.22 13.61
N ASN A 15 0.77 10.11 13.54
CA ASN A 15 0.13 8.88 13.08
C ASN A 15 0.19 7.72 14.07
N ILE A 16 0.81 7.93 15.24
CA ILE A 16 0.99 6.87 16.25
C ILE A 16 -0.33 6.23 16.65
N LYS A 17 -1.35 7.08 16.76
CA LYS A 17 -2.73 6.66 17.02
C LYS A 17 -3.10 5.47 16.16
N GLN A 18 -2.77 5.57 14.88
CA GLN A 18 -3.08 4.53 13.92
C GLN A 18 -2.21 3.29 14.04
N LEU A 19 -0.97 3.45 14.48
CA LEU A 19 -0.14 2.31 14.79
C LEU A 19 -0.82 1.53 15.90
N LYS A 20 -1.14 2.25 16.98
CA LYS A 20 -1.85 1.66 18.10
C LYS A 20 -3.09 0.92 17.61
N ARG A 21 -3.85 1.55 16.73
CA ARG A 21 -5.09 0.95 16.24
C ARG A 21 -4.83 -0.32 15.44
N LEU A 22 -3.67 -0.44 14.80
CA LEU A 22 -3.36 -1.63 14.03
C LEU A 22 -2.86 -2.78 14.92
N ASN A 23 -2.01 -2.45 15.89
CA ASN A 23 -1.51 -3.44 16.85
C ASN A 23 -2.63 -4.07 17.65
N GLN A 24 -3.71 -3.34 17.84
CA GLN A 24 -4.83 -3.89 18.60
C GLN A 24 -5.61 -4.96 17.84
N VAL A 25 -5.77 -4.79 16.53
CA VAL A 25 -6.47 -5.79 15.73
C VAL A 25 -5.62 -7.01 15.42
N ILE A 26 -4.33 -6.80 15.24
CA ILE A 26 -3.45 -7.86 14.77
C ILE A 26 -2.97 -8.75 15.91
N PHE A 27 -2.63 -8.14 17.03
CA PHE A 27 -2.02 -8.89 18.12
C PHE A 27 -3.00 -9.08 19.29
N PRO A 28 -3.03 -10.30 19.85
CA PRO A 28 -3.93 -10.69 20.94
C PRO A 28 -3.63 -10.01 22.29
N VAL A 29 -2.38 -9.61 22.53
CA VAL A 29 -2.01 -8.87 23.75
C VAL A 29 -2.09 -7.36 23.54
N SER A 30 -2.45 -6.61 24.59
CA SER A 30 -2.54 -5.15 24.48
C SER A 30 -1.31 -4.48 25.09
N TYR A 31 -0.86 -3.38 24.46
CA TYR A 31 0.37 -2.69 24.87
C TYR A 31 0.11 -1.35 25.58
N ASN A 32 0.97 -0.99 26.51
CA ASN A 32 0.71 0.17 27.37
C ASN A 32 1.25 1.49 26.82
N ASP A 33 0.89 2.59 27.47
CA ASP A 33 1.28 3.92 26.99
C ASP A 33 2.79 4.11 27.00
N LYS A 34 3.50 3.10 27.50
CA LYS A 34 4.96 3.13 27.55
C LYS A 34 5.55 2.59 26.24
N PHE A 35 5.12 1.41 25.84
CA PHE A 35 5.49 0.79 24.56
C PHE A 35 5.46 1.83 23.44
N TYR A 36 4.32 2.51 23.29
CA TYR A 36 4.13 3.47 22.21
C TYR A 36 4.94 4.75 22.39
N LYS A 37 4.98 5.26 23.61
CA LYS A 37 5.88 6.34 23.93
C LYS A 37 7.30 6.00 23.45
N ASP A 38 7.75 4.79 23.77
CA ASP A 38 9.10 4.31 23.41
C ASP A 38 9.38 4.23 21.91
N VAL A 39 8.40 3.82 21.12
CA VAL A 39 8.61 3.65 19.68
C VAL A 39 8.89 4.97 18.98
N LEU A 40 8.38 6.08 19.53
CA LEU A 40 8.66 7.40 18.96
C LEU A 40 10.14 7.78 19.06
N GLU A 41 10.90 7.04 19.85
CA GLU A 41 12.31 7.36 20.02
C GLU A 41 13.26 6.36 19.35
N VAL A 42 12.73 5.29 18.76
CA VAL A 42 13.60 4.25 18.17
C VAL A 42 13.98 4.48 16.72
N GLY A 43 13.46 5.53 16.12
CA GLY A 43 13.86 5.88 14.76
C GLY A 43 13.41 4.90 13.69
N GLU A 44 14.33 4.53 12.81
CA GLU A 44 13.97 3.67 11.70
C GLU A 44 13.36 2.35 12.20
N LEU A 45 13.58 2.02 13.46
CA LEU A 45 13.06 0.74 13.97
C LEU A 45 11.58 0.62 14.29
N ALA A 46 10.82 1.67 14.02
CA ALA A 46 9.37 1.58 14.03
C ALA A 46 8.82 2.15 12.72
N LYS A 47 8.13 1.32 11.95
CA LYS A 47 7.63 1.73 10.65
C LYS A 47 6.20 1.29 10.46
N LEU A 48 5.38 2.16 9.88
CA LEU A 48 4.09 1.78 9.36
C LEU A 48 4.25 1.21 7.95
N ALA A 49 3.41 0.25 7.59
CA ALA A 49 3.42 -0.31 6.24
C ALA A 49 2.13 0.05 5.57
N TYR A 50 2.23 0.57 4.34
CA TYR A 50 1.06 0.93 3.53
C TYR A 50 0.93 0.10 2.27
N PHE A 51 -0.31 -0.22 1.93
CA PHE A 51 -0.63 -0.88 0.68
C PHE A 51 -1.58 0.06 -0.06
N ASN A 52 -1.15 0.56 -1.23
CA ASN A 52 -1.86 1.61 -1.93
C ASN A 52 -2.23 2.78 -1.01
N ASP A 53 -1.25 3.29 -0.28
CA ASP A 53 -1.37 4.47 0.58
C ASP A 53 -2.35 4.28 1.75
N ILE A 54 -2.64 3.01 2.07
CA ILE A 54 -3.47 2.65 3.21
C ILE A 54 -2.60 1.93 4.25
N ALA A 55 -2.67 2.38 5.50
CA ALA A 55 -1.90 1.71 6.56
C ALA A 55 -2.54 0.38 6.92
N VAL A 56 -1.83 -0.70 6.58
CA VAL A 56 -2.32 -2.05 6.85
C VAL A 56 -1.37 -2.87 7.72
N GLY A 57 -0.22 -2.30 8.08
CA GLY A 57 0.77 -3.05 8.83
C GLY A 57 1.62 -2.16 9.71
N ALA A 58 2.54 -2.78 10.45
CA ALA A 58 3.48 -2.05 11.27
C ALA A 58 4.48 -2.99 11.92
N VAL A 59 5.67 -2.49 12.20
CA VAL A 59 6.65 -3.25 12.97
C VAL A 59 7.28 -2.37 14.04
N CYS A 60 7.52 -2.95 15.22
CA CYS A 60 8.18 -2.22 16.31
C CYS A 60 9.30 -3.03 16.95
N CYS A 61 10.48 -2.42 17.03
CA CYS A 61 11.67 -3.09 17.52
C CYS A 61 12.32 -2.32 18.67
N ARG A 62 13.47 -2.81 19.08
CA ARG A 62 14.09 -2.35 20.29
C ARG A 62 15.47 -2.96 20.25
N VAL A 63 16.43 -2.31 20.90
CA VAL A 63 17.76 -2.88 21.03
C VAL A 63 17.93 -3.46 22.42
N ASP A 64 18.57 -4.62 22.49
CA ASP A 64 18.57 -5.45 23.66
C ASP A 64 20.01 -5.79 24.04
N HIS A 65 20.41 -5.65 25.27
CA HIS A 65 21.75 -6.12 25.62
C HIS A 65 21.33 -7.12 26.63
N SER A 66 21.48 -8.38 26.29
CA SER A 66 21.01 -9.45 27.14
C SER A 66 22.01 -10.50 26.81
N GLN A 67 22.33 -11.32 27.78
CA GLN A 67 23.25 -12.40 27.50
C GLN A 67 24.61 -11.91 27.05
N ASN A 68 25.02 -10.71 27.48
CA ASN A 68 26.31 -10.19 27.06
C ASN A 68 26.45 -10.12 25.54
N GLN A 69 25.36 -9.75 24.88
CA GLN A 69 25.32 -9.66 23.42
C GLN A 69 24.58 -8.40 23.01
N LYS A 70 24.82 -7.96 21.77
CA LYS A 70 24.06 -6.86 21.17
C LYS A 70 22.99 -7.45 20.24
N ARG A 71 21.74 -7.22 20.60
CA ARG A 71 20.63 -7.95 20.00
C ARG A 71 19.50 -7.07 19.48
N LEU A 72 18.93 -7.44 18.34
CA LEU A 72 17.77 -6.74 17.80
C LEU A 72 16.53 -7.52 18.17
N TYR A 73 15.70 -6.95 19.03
CA TYR A 73 14.47 -7.62 19.42
C TYR A 73 13.23 -7.03 18.74
N ILE A 74 12.54 -7.90 17.99
CA ILE A 74 11.31 -7.57 17.29
C ILE A 74 10.14 -7.75 18.24
N MET A 75 9.45 -6.67 18.57
CA MET A 75 8.37 -6.76 19.53
C MET A 75 7.03 -7.04 18.86
N THR A 76 6.75 -6.35 17.77
CA THR A 76 5.63 -6.63 16.91
C THR A 76 5.99 -6.49 15.46
N LEU A 77 5.31 -7.21 14.59
CA LEU A 77 5.50 -7.17 13.16
C LEU A 77 4.36 -7.91 12.50
N GLY A 78 3.38 -7.22 11.97
CA GLY A 78 2.24 -7.88 11.39
C GLY A 78 1.42 -7.07 10.44
N CYS A 79 0.42 -7.66 9.81
CA CYS A 79 -0.43 -6.92 8.89
C CYS A 79 -1.80 -7.57 8.84
N LEU A 80 -2.85 -6.74 8.81
CA LEU A 80 -4.22 -7.22 8.74
C LEU A 80 -4.47 -8.41 7.81
N ALA A 81 -5.21 -9.37 8.33
CA ALA A 81 -5.43 -10.63 7.64
C ALA A 81 -5.67 -10.50 6.13
N PRO A 82 -6.68 -9.69 5.74
CA PRO A 82 -7.02 -9.64 4.31
C PRO A 82 -5.85 -9.25 3.40
N TYR A 83 -4.83 -8.57 3.94
CA TYR A 83 -3.69 -8.15 3.12
C TYR A 83 -2.46 -9.06 3.23
N ARG A 84 -2.61 -10.23 3.86
CA ARG A 84 -1.48 -11.14 4.01
C ARG A 84 -1.10 -11.84 2.73
N ARG A 85 0.10 -12.43 2.74
CA ARG A 85 0.61 -13.12 1.56
C ARG A 85 0.64 -12.20 0.35
N LEU A 86 0.94 -10.92 0.57
CA LEU A 86 1.18 -10.01 -0.53
C LEU A 86 2.61 -9.49 -0.52
N GLY A 87 3.41 -9.96 0.43
CA GLY A 87 4.79 -9.53 0.52
C GLY A 87 5.03 -8.34 1.41
N ILE A 88 4.01 -7.92 2.14
CA ILE A 88 4.11 -6.79 3.06
C ILE A 88 5.03 -7.06 4.25
N GLY A 89 4.85 -8.21 4.88
CA GLY A 89 5.68 -8.62 5.99
C GLY A 89 7.13 -8.71 5.58
N THR A 90 7.38 -9.17 4.36
CA THR A 90 8.74 -9.27 3.86
C THR A 90 9.39 -7.88 3.81
N LYS A 91 8.60 -6.90 3.43
CA LYS A 91 9.07 -5.52 3.30
C LYS A 91 9.54 -5.05 4.66
N MET A 92 8.67 -5.18 5.67
CA MET A 92 9.04 -4.86 7.03
C MET A 92 10.26 -5.63 7.57
N LEU A 93 10.32 -6.94 7.38
CA LEU A 93 11.46 -7.68 7.90
C LEU A 93 12.77 -7.25 7.25
N ASN A 94 12.76 -7.13 5.93
CA ASN A 94 14.00 -6.82 5.23
C ASN A 94 14.54 -5.47 5.67
N HIS A 95 13.66 -4.46 5.66
CA HIS A 95 13.97 -3.16 6.25
C HIS A 95 14.81 -3.29 7.55
N VAL A 96 14.36 -4.17 8.45
CA VAL A 96 15.05 -4.38 9.73
C VAL A 96 16.37 -5.14 9.57
N LEU A 97 16.36 -6.20 8.79
CA LEU A 97 17.60 -6.87 8.42
C LEU A 97 18.64 -5.90 7.83
N ASN A 98 18.19 -4.96 7.01
CA ASN A 98 19.11 -3.98 6.41
C ASN A 98 19.79 -3.05 7.43
N ILE A 99 18.98 -2.48 8.31
CA ILE A 99 19.51 -1.69 9.40
C ILE A 99 20.60 -2.43 10.16
N CYS A 100 20.30 -3.65 10.56
CA CYS A 100 21.27 -4.47 11.26
C CYS A 100 22.52 -4.68 10.43
N GLU A 101 22.33 -4.97 9.15
CA GLU A 101 23.46 -5.31 8.30
C GLU A 101 24.43 -4.13 8.13
N LYS A 102 23.88 -2.93 7.94
CA LYS A 102 24.70 -1.73 7.82
C LYS A 102 25.43 -1.41 9.13
N ASP A 103 24.71 -1.56 10.24
CA ASP A 103 25.27 -1.22 11.54
C ASP A 103 26.44 -2.14 11.90
N GLY A 104 26.39 -3.37 11.41
CA GLY A 104 27.47 -4.35 11.60
C GLY A 104 27.74 -4.89 12.99
N THR A 105 27.15 -4.28 14.03
CA THR A 105 27.54 -4.61 15.41
C THR A 105 26.58 -5.55 16.14
N PHE A 106 25.57 -6.05 15.45
CA PHE A 106 24.62 -6.94 16.10
C PHE A 106 25.08 -8.40 16.06
N ASP A 107 24.97 -9.07 17.20
CA ASP A 107 25.23 -10.49 17.24
C ASP A 107 24.06 -11.27 16.60
N ASN A 108 22.85 -10.90 16.97
CA ASN A 108 21.70 -11.61 16.43
C ASN A 108 20.39 -10.84 16.58
N ILE A 109 19.36 -11.34 15.90
CA ILE A 109 18.02 -10.80 16.04
C ILE A 109 17.08 -11.93 16.44
N TYR A 110 15.97 -11.58 17.09
CA TYR A 110 15.11 -12.59 17.70
C TYR A 110 13.74 -12.02 18.11
N LEU A 111 12.85 -12.91 18.54
CA LEU A 111 11.48 -12.54 18.83
C LEU A 111 10.75 -13.74 19.40
N HIS A 112 9.58 -13.50 20.01
CA HIS A 112 8.76 -14.57 20.59
C HIS A 112 7.51 -14.85 19.75
N VAL A 113 7.08 -16.11 19.75
CA VAL A 113 5.86 -16.51 19.04
C VAL A 113 5.06 -17.56 19.82
N GLN A 114 3.75 -17.35 19.94
CA GLN A 114 2.87 -18.40 20.40
C GLN A 114 3.14 -19.66 19.56
N ILE A 115 3.40 -20.79 20.20
CA ILE A 115 3.68 -22.04 19.47
C ILE A 115 2.58 -22.42 18.44
N SER A 116 1.39 -21.87 18.60
CA SER A 116 0.27 -22.14 17.69
C SER A 116 0.35 -21.34 16.38
N ASN A 117 1.22 -20.34 16.36
CA ASN A 117 1.42 -19.46 15.22
C ASN A 117 2.22 -20.15 14.13
N GLU A 118 1.54 -21.03 13.39
CA GLU A 118 2.23 -21.79 12.36
C GLU A 118 2.70 -20.89 11.22
N SER A 119 1.89 -19.92 10.83
CA SER A 119 2.25 -19.08 9.69
C SER A 119 3.47 -18.17 9.97
N ALA A 120 3.58 -17.69 11.20
CA ALA A 120 4.72 -16.87 11.57
C ALA A 120 6.03 -17.68 11.56
N ILE A 121 5.97 -18.96 11.92
CA ILE A 121 7.13 -19.85 11.83
C ILE A 121 7.53 -20.14 10.37
N ASP A 122 6.56 -20.42 9.50
CA ASP A 122 6.87 -20.57 8.08
C ASP A 122 7.53 -19.31 7.56
N PHE A 123 7.00 -18.18 8.01
CA PHE A 123 7.49 -16.88 7.59
C PHE A 123 8.92 -16.66 8.06
N TYR A 124 9.15 -16.76 9.36
CA TYR A 124 10.44 -16.39 9.88
C TYR A 124 11.52 -17.40 9.51
N ARG A 125 11.09 -18.64 9.28
CA ARG A 125 12.03 -19.70 8.93
C ARG A 125 12.53 -19.51 7.52
N LYS A 126 11.70 -18.88 6.68
CA LYS A 126 12.08 -18.62 5.30
C LYS A 126 13.29 -17.71 5.31
N PHE A 127 13.38 -16.84 6.32
CA PHE A 127 14.44 -15.84 6.36
C PHE A 127 15.69 -16.31 7.06
N GLY A 128 15.63 -17.50 7.64
CA GLY A 128 16.79 -18.10 8.29
C GLY A 128 16.77 -18.09 9.81
N PHE A 129 15.66 -17.69 10.41
CA PHE A 129 15.49 -17.80 11.86
C PHE A 129 15.31 -19.28 12.20
N GLU A 130 15.82 -19.72 13.36
CA GLU A 130 15.53 -21.08 13.88
C GLU A 130 14.89 -21.00 15.27
N ILE A 131 14.05 -21.97 15.59
CA ILE A 131 13.57 -22.13 16.97
C ILE A 131 14.73 -22.60 17.82
N ILE A 132 15.05 -21.85 18.87
CA ILE A 132 16.23 -22.13 19.69
C ILE A 132 15.86 -22.38 21.15
N GLU A 133 14.58 -22.17 21.46
CA GLU A 133 14.11 -22.39 22.81
C GLU A 133 12.61 -22.42 22.78
N THR A 134 12.01 -23.12 23.73
CA THR A 134 10.56 -23.10 23.90
C THR A 134 10.23 -22.82 25.37
N LYS A 135 9.88 -21.57 25.67
CA LYS A 135 9.58 -21.19 27.04
C LYS A 135 8.14 -21.58 27.35
N LYS A 136 7.92 -22.20 28.50
CA LYS A 136 6.56 -22.57 28.92
C LYS A 136 5.86 -21.43 29.63
N ASN A 137 4.57 -21.26 29.34
CA ASN A 137 3.77 -20.19 29.91
C ASN A 137 4.52 -18.84 29.89
N TYR A 138 4.86 -18.37 28.70
CA TYR A 138 5.52 -17.07 28.53
C TYR A 138 4.48 -15.96 28.57
N TYR A 139 3.44 -16.10 27.76
CA TYR A 139 2.34 -15.14 27.78
C TYR A 139 1.51 -15.36 29.02
N LYS A 140 0.87 -14.30 29.48
CA LYS A 140 0.09 -14.37 30.71
C LYS A 140 -1.30 -14.96 30.50
N ARG A 141 -2.17 -14.27 29.77
CA ARG A 141 -3.57 -14.66 29.78
C ARG A 141 -4.20 -15.20 28.49
N ILE A 142 -3.41 -15.37 27.44
CA ILE A 142 -3.96 -15.93 26.21
C ILE A 142 -3.77 -17.44 26.15
N GLU A 143 -4.39 -18.06 25.16
CA GLU A 143 -4.23 -19.49 24.93
C GLU A 143 -3.84 -19.73 23.47
N PRO A 144 -2.79 -20.54 23.26
CA PRO A 144 -1.96 -21.16 24.30
C PRO A 144 -0.93 -20.19 24.91
N ALA A 145 -0.44 -20.52 26.10
CA ALA A 145 0.48 -19.66 26.84
C ALA A 145 1.94 -19.88 26.49
N ASP A 146 2.24 -20.95 25.77
CA ASP A 146 3.63 -21.26 25.43
C ASP A 146 4.16 -20.49 24.20
N ALA A 147 5.47 -20.29 24.17
CA ALA A 147 6.09 -19.51 23.11
C ALA A 147 7.43 -20.08 22.65
N HIS A 148 7.61 -20.17 21.34
CA HIS A 148 8.91 -20.49 20.80
C HIS A 148 9.67 -19.19 20.84
N VAL A 149 11.00 -19.27 20.94
CA VAL A 149 11.87 -18.14 20.72
C VAL A 149 12.58 -18.39 19.41
N LEU A 150 12.50 -17.40 18.51
CA LEU A 150 13.11 -17.49 17.18
C LEU A 150 14.31 -16.60 17.09
N GLN A 151 15.35 -17.07 16.40
CA GLN A 151 16.54 -16.28 16.28
C GLN A 151 17.38 -16.56 15.03
N LYS A 152 17.84 -15.48 14.40
CA LYS A 152 18.79 -15.52 13.30
C LYS A 152 20.11 -14.90 13.78
N ASN A 153 21.23 -15.54 13.45
CA ASN A 153 22.55 -15.01 13.76
C ASN A 153 23.09 -14.05 12.71
N LEU A 154 23.81 -13.03 13.15
CA LEU A 154 24.39 -12.08 12.22
C LEU A 154 25.91 -12.20 12.21
N LYS A 155 26.53 -12.01 13.37
CA LYS A 155 27.97 -12.24 13.53
C LYS A 155 28.42 -13.51 12.80
N MET B 1 6.25 -11.38 19.20
CA MET B 1 5.21 -10.73 19.99
C MET B 1 5.52 -10.79 21.50
N LEU B 2 6.01 -9.66 22.03
CA LEU B 2 6.38 -9.55 23.44
C LEU B 2 5.13 -9.43 24.32
N GLY B 3 5.31 -9.57 25.62
CA GLY B 3 4.22 -9.38 26.56
C GLY B 3 4.21 -10.34 27.72
N PRO B 4 5.08 -10.12 28.69
CA PRO B 4 5.96 -8.97 28.67
C PRO B 4 7.21 -9.33 29.43
N SER C 4 -29.91 -30.58 3.76
CA SER C 4 -30.21 -29.23 3.30
C SER C 4 -29.73 -28.90 1.86
N ARG C 5 -30.46 -27.99 1.22
CA ARG C 5 -30.50 -27.80 -0.23
C ARG C 5 -30.08 -26.38 -0.59
N ILE C 6 -29.02 -26.25 -1.38
CA ILE C 6 -28.63 -24.96 -1.96
C ILE C 6 -28.64 -25.05 -3.49
N GLU C 7 -29.55 -24.29 -4.11
CA GLU C 7 -29.73 -24.28 -5.57
C GLU C 7 -29.74 -22.87 -6.12
N LEU C 8 -29.59 -22.76 -7.45
CA LEU C 8 -29.68 -21.47 -8.12
C LEU C 8 -30.90 -21.41 -9.04
N GLY C 9 -31.56 -20.25 -9.08
CA GLY C 9 -32.71 -20.08 -9.95
C GLY C 9 -32.43 -19.19 -11.15
N ASP C 10 -33.40 -19.09 -12.05
CA ASP C 10 -33.34 -18.12 -13.14
C ASP C 10 -34.02 -16.86 -12.63
N VAL C 11 -33.49 -15.69 -12.97
CA VAL C 11 -34.22 -14.48 -12.66
C VAL C 11 -35.30 -14.27 -13.72
N THR C 12 -36.52 -14.00 -13.28
CA THR C 12 -37.64 -13.73 -14.21
C THR C 12 -38.44 -12.49 -13.81
N PRO C 13 -39.47 -12.14 -14.59
CA PRO C 13 -40.32 -10.99 -14.23
C PRO C 13 -41.18 -11.30 -13.03
N HIS C 14 -41.33 -12.60 -12.74
CA HIS C 14 -42.17 -13.08 -11.64
C HIS C 14 -41.48 -12.84 -10.30
N ASN C 15 -40.15 -13.00 -10.30
CA ASN C 15 -39.35 -13.02 -9.08
C ASN C 15 -38.32 -11.92 -8.99
N ILE C 16 -38.36 -11.00 -9.95
CA ILE C 16 -37.48 -9.85 -9.93
C ILE C 16 -37.95 -8.92 -8.82
N LYS C 17 -39.24 -9.01 -8.51
CA LYS C 17 -39.81 -8.25 -7.40
C LYS C 17 -39.02 -8.60 -6.15
N GLN C 18 -38.39 -9.76 -6.18
CA GLN C 18 -37.78 -10.33 -5.00
C GLN C 18 -36.26 -10.21 -5.00
N LEU C 19 -35.66 -10.26 -6.18
CA LEU C 19 -34.25 -9.97 -6.27
C LEU C 19 -34.04 -8.55 -5.78
N LYS C 20 -34.94 -7.66 -6.17
CA LYS C 20 -34.85 -6.27 -5.75
C LYS C 20 -34.88 -6.16 -4.23
N ARG C 21 -35.85 -6.83 -3.63
CA ARG C 21 -36.00 -6.84 -2.18
C ARG C 21 -34.74 -7.37 -1.51
N LEU C 22 -34.20 -8.46 -2.03
CA LEU C 22 -32.97 -9.02 -1.50
C LEU C 22 -31.85 -7.98 -1.52
N ASN C 23 -31.66 -7.33 -2.68
CA ASN C 23 -30.56 -6.40 -2.87
C ASN C 23 -30.57 -5.19 -1.96
N GLN C 24 -31.74 -4.83 -1.44
CA GLN C 24 -31.81 -3.67 -0.58
C GLN C 24 -31.33 -3.94 0.84
N VAL C 25 -31.37 -5.20 1.23
CA VAL C 25 -30.91 -5.58 2.56
C VAL C 25 -29.40 -5.80 2.61
N ILE C 26 -28.92 -6.65 1.71
CA ILE C 26 -27.51 -7.02 1.62
C ILE C 26 -26.58 -5.84 1.30
N PHE C 27 -27.01 -4.96 0.40
CA PHE C 27 -26.14 -3.87 -0.09
C PHE C 27 -26.60 -2.48 0.39
N PRO C 28 -25.64 -1.64 0.83
CA PRO C 28 -25.91 -0.27 1.29
C PRO C 28 -26.29 0.75 0.19
N VAL C 29 -25.84 0.54 -1.05
CA VAL C 29 -26.30 1.37 -2.17
C VAL C 29 -27.64 0.85 -2.67
N SER C 30 -28.40 1.72 -3.34
CA SER C 30 -29.67 1.33 -3.92
C SER C 30 -29.64 1.44 -5.43
N TYR C 31 -30.25 0.46 -6.10
CA TYR C 31 -30.23 0.44 -7.55
C TYR C 31 -31.56 0.90 -8.17
N ASN C 32 -31.44 1.61 -9.29
CA ASN C 32 -32.57 2.22 -10.00
C ASN C 32 -33.24 1.25 -10.97
N ASP C 33 -34.38 1.64 -11.51
CA ASP C 33 -35.16 0.72 -12.34
C ASP C 33 -34.41 0.20 -13.58
N LYS C 34 -33.29 0.82 -13.93
CA LYS C 34 -32.57 0.44 -15.14
C LYS C 34 -31.68 -0.78 -14.90
N PHE C 35 -30.93 -0.75 -13.81
CA PHE C 35 -30.10 -1.87 -13.38
C PHE C 35 -30.87 -3.19 -13.45
N TYR C 36 -32.05 -3.22 -12.84
CA TYR C 36 -32.84 -4.45 -12.78
C TYR C 36 -33.44 -4.80 -14.13
N LYS C 37 -33.65 -3.79 -14.96
CA LYS C 37 -34.19 -4.04 -16.29
C LYS C 37 -33.12 -4.80 -17.08
N ASP C 38 -31.87 -4.41 -16.86
CA ASP C 38 -30.74 -5.01 -17.55
C ASP C 38 -30.54 -6.48 -17.15
N VAL C 39 -30.81 -6.79 -15.89
CA VAL C 39 -30.57 -8.15 -15.40
C VAL C 39 -31.46 -9.18 -16.10
N LEU C 40 -32.63 -8.75 -16.55
CA LEU C 40 -33.56 -9.67 -17.19
C LEU C 40 -33.06 -10.13 -18.56
N GLU C 41 -32.23 -9.29 -19.16
CA GLU C 41 -31.76 -9.53 -20.52
C GLU C 41 -30.38 -10.19 -20.59
N VAL C 42 -29.71 -10.30 -19.43
CA VAL C 42 -28.33 -10.82 -19.38
C VAL C 42 -28.23 -12.34 -19.29
N GLY C 43 -29.29 -13.01 -18.84
CA GLY C 43 -29.35 -14.47 -18.89
C GLY C 43 -28.88 -15.24 -17.66
N GLU C 44 -28.01 -16.23 -17.89
CA GLU C 44 -27.40 -16.99 -16.79
C GLU C 44 -26.46 -16.11 -15.97
N LEU C 45 -26.27 -14.86 -16.42
CA LEU C 45 -25.39 -13.93 -15.71
C LEU C 45 -26.16 -13.21 -14.61
N ALA C 46 -27.39 -13.67 -14.38
CA ALA C 46 -28.15 -13.31 -13.19
C ALA C 46 -28.94 -14.51 -12.71
N LYS C 47 -28.67 -14.92 -11.46
CA LYS C 47 -29.34 -16.05 -10.82
C LYS C 47 -29.72 -15.64 -9.41
N LEU C 48 -30.81 -16.22 -8.92
CA LEU C 48 -31.15 -16.16 -7.51
C LEU C 48 -30.60 -17.40 -6.84
N ALA C 49 -30.23 -17.27 -5.57
CA ALA C 49 -29.76 -18.41 -4.79
C ALA C 49 -30.81 -18.81 -3.76
N TYR C 50 -31.15 -20.11 -3.72
CA TYR C 50 -32.16 -20.66 -2.81
C TYR C 50 -31.60 -21.63 -1.74
N PHE C 51 -32.02 -21.43 -0.51
CA PHE C 51 -31.66 -22.31 0.60
C PHE C 51 -32.94 -22.99 0.99
N ASN C 52 -33.03 -24.30 0.75
CA ASN C 52 -34.26 -25.04 1.03
C ASN C 52 -35.47 -24.35 0.45
N ASP C 53 -35.34 -23.85 -0.77
CA ASP C 53 -36.43 -23.17 -1.49
C ASP C 53 -36.79 -21.78 -0.95
N ILE C 54 -35.97 -21.27 -0.04
CA ILE C 54 -36.04 -19.85 0.33
C ILE C 54 -34.98 -19.08 -0.47
N ALA C 55 -35.41 -18.06 -1.19
CA ALA C 55 -34.47 -17.16 -1.84
C ALA C 55 -33.68 -16.36 -0.79
N VAL C 56 -32.36 -16.52 -0.79
CA VAL C 56 -31.55 -15.92 0.27
C VAL C 56 -30.34 -15.13 -0.25
N GLY C 57 -30.11 -15.20 -1.55
CA GLY C 57 -29.03 -14.46 -2.20
C GLY C 57 -29.23 -14.30 -3.71
N ALA C 58 -28.30 -13.61 -4.37
CA ALA C 58 -28.41 -13.43 -5.80
C ALA C 58 -27.12 -12.87 -6.38
N VAL C 59 -26.88 -13.16 -7.65
CA VAL C 59 -25.70 -12.64 -8.32
C VAL C 59 -26.10 -11.99 -9.63
N CYS C 60 -25.53 -10.83 -9.91
CA CYS C 60 -25.84 -10.11 -11.14
C CYS C 60 -24.54 -9.63 -11.77
N CYS C 61 -24.26 -10.15 -12.97
CA CYS C 61 -23.09 -9.75 -13.72
C CYS C 61 -23.44 -9.04 -15.01
N ARG C 62 -22.42 -8.42 -15.60
CA ARG C 62 -22.59 -7.67 -16.85
C ARG C 62 -21.41 -8.02 -17.74
N VAL C 63 -21.62 -7.98 -19.05
CA VAL C 63 -20.47 -8.10 -19.94
C VAL C 63 -19.87 -6.70 -20.15
N ASP C 64 -18.55 -6.63 -20.24
CA ASP C 64 -17.86 -5.36 -20.24
C ASP C 64 -16.83 -5.25 -21.34
N HIS C 65 -16.93 -4.19 -22.14
CA HIS C 65 -15.96 -3.96 -23.21
C HIS C 65 -15.14 -2.70 -22.95
N SER C 66 -14.30 -2.75 -21.93
CA SER C 66 -13.42 -1.62 -21.61
C SER C 66 -11.97 -2.07 -21.69
N GLN C 67 -11.06 -1.08 -21.73
CA GLN C 67 -9.64 -1.36 -21.77
C GLN C 67 -9.25 -2.25 -22.97
N ASN C 68 -10.05 -2.22 -24.03
CA ASN C 68 -9.82 -3.05 -25.22
C ASN C 68 -9.83 -4.53 -24.87
N GLN C 69 -10.63 -4.87 -23.87
CA GLN C 69 -10.77 -6.23 -23.41
C GLN C 69 -12.24 -6.53 -23.33
N LYS C 70 -12.55 -7.82 -23.45
CA LYS C 70 -13.86 -8.32 -23.06
C LYS C 70 -13.76 -8.89 -21.63
N ARG C 71 -14.61 -8.38 -20.74
CA ARG C 71 -14.48 -8.74 -19.34
C ARG C 71 -15.84 -9.13 -18.75
N LEU C 72 -15.81 -9.90 -17.66
CA LEU C 72 -17.01 -10.17 -16.87
C LEU C 72 -17.08 -9.20 -15.68
N TYR C 73 -18.20 -8.49 -15.54
CA TYR C 73 -18.35 -7.58 -14.42
C TYR C 73 -19.39 -8.05 -13.40
N ILE C 74 -18.93 -8.38 -12.19
CA ILE C 74 -19.86 -8.72 -11.13
C ILE C 74 -20.36 -7.43 -10.53
N MET C 75 -21.62 -7.10 -10.77
CA MET C 75 -22.10 -5.85 -10.25
C MET C 75 -22.55 -6.04 -8.82
N THR C 76 -23.24 -7.14 -8.56
CA THR C 76 -23.59 -7.51 -7.19
C THR C 76 -23.41 -9.01 -7.00
N LEU C 77 -23.11 -9.41 -5.76
CA LEU C 77 -23.10 -10.83 -5.39
C LEU C 77 -23.07 -10.96 -3.88
N GLY C 78 -24.12 -11.52 -3.29
CA GLY C 78 -24.20 -11.67 -1.85
C GLY C 78 -25.33 -12.54 -1.37
N CYS C 79 -25.40 -12.75 -0.05
CA CYS C 79 -26.58 -13.34 0.58
C CYS C 79 -26.76 -12.85 2.01
N LEU C 80 -27.96 -13.05 2.52
CA LEU C 80 -28.35 -12.60 3.84
C LEU C 80 -27.48 -13.13 4.99
N ALA C 81 -27.29 -12.26 5.98
CA ALA C 81 -26.32 -12.48 7.05
C ALA C 81 -26.43 -13.86 7.68
N PRO C 82 -27.64 -14.26 8.12
CA PRO C 82 -27.69 -15.54 8.84
C PRO C 82 -27.30 -16.75 7.97
N TYR C 83 -27.37 -16.65 6.65
CA TYR C 83 -27.04 -17.79 5.78
C TYR C 83 -25.60 -17.79 5.26
N ARG C 84 -24.77 -16.88 5.77
CA ARG C 84 -23.38 -16.82 5.36
C ARG C 84 -22.54 -18.00 5.89
N ARG C 85 -21.47 -18.30 5.18
CA ARG C 85 -20.56 -19.35 5.60
C ARG C 85 -21.12 -20.73 5.36
N LEU C 86 -22.21 -20.83 4.59
CA LEU C 86 -22.78 -22.13 4.22
C LEU C 86 -22.40 -22.52 2.80
N GLY C 87 -21.50 -21.75 2.21
CA GLY C 87 -20.98 -22.04 0.89
C GLY C 87 -21.91 -21.54 -0.20
N ILE C 88 -22.86 -20.67 0.15
CA ILE C 88 -23.80 -20.11 -0.83
C ILE C 88 -23.12 -19.14 -1.80
N GLY C 89 -22.27 -18.28 -1.27
CA GLY C 89 -21.54 -17.34 -2.09
C GLY C 89 -20.77 -18.16 -3.09
N THR C 90 -20.14 -19.22 -2.60
CA THR C 90 -19.30 -20.08 -3.43
C THR C 90 -20.12 -20.67 -4.57
N LYS C 91 -21.40 -20.93 -4.31
CA LYS C 91 -22.21 -21.53 -5.34
C LYS C 91 -22.38 -20.55 -6.50
N MET C 92 -22.84 -19.34 -6.19
CA MET C 92 -22.99 -18.28 -7.20
C MET C 92 -21.69 -18.00 -7.95
N LEU C 93 -20.60 -17.82 -7.22
CA LEU C 93 -19.35 -17.48 -7.89
C LEU C 93 -18.99 -18.55 -8.89
N ASN C 94 -18.93 -19.80 -8.43
CA ASN C 94 -18.57 -20.91 -9.33
C ASN C 94 -19.44 -20.92 -10.58
N HIS C 95 -20.74 -20.79 -10.41
CA HIS C 95 -21.62 -20.73 -11.55
C HIS C 95 -21.12 -19.70 -12.55
N VAL C 96 -20.77 -18.52 -12.06
CA VAL C 96 -20.28 -17.45 -12.92
C VAL C 96 -18.93 -17.80 -13.54
N LEU C 97 -18.07 -18.44 -12.78
CA LEU C 97 -16.79 -18.90 -13.31
C LEU C 97 -16.93 -19.96 -14.40
N ASN C 98 -17.89 -20.87 -14.25
CA ASN C 98 -18.13 -21.91 -15.25
C ASN C 98 -18.51 -21.33 -16.60
N ILE C 99 -19.53 -20.46 -16.59
CA ILE C 99 -19.92 -19.74 -17.79
C ILE C 99 -18.71 -19.16 -18.54
N CYS C 100 -17.88 -18.42 -17.83
CA CYS C 100 -16.66 -17.85 -18.40
C CYS C 100 -15.72 -18.91 -18.97
N GLU C 101 -15.46 -19.95 -18.19
CA GLU C 101 -14.50 -20.96 -18.60
C GLU C 101 -14.95 -21.66 -19.87
N LYS C 102 -16.25 -21.91 -19.98
CA LYS C 102 -16.82 -22.54 -21.17
C LYS C 102 -16.71 -21.64 -22.39
N ASP C 103 -17.18 -20.41 -22.23
CA ASP C 103 -17.22 -19.41 -23.28
C ASP C 103 -15.84 -19.10 -23.87
N GLY C 104 -14.79 -19.34 -23.09
CA GLY C 104 -13.40 -19.21 -23.54
C GLY C 104 -12.88 -17.85 -23.98
N THR C 105 -13.78 -16.90 -24.27
CA THR C 105 -13.41 -15.62 -24.86
C THR C 105 -13.21 -14.50 -23.86
N PHE C 106 -13.20 -14.83 -22.57
CA PHE C 106 -13.05 -13.79 -21.55
C PHE C 106 -11.60 -13.54 -21.18
N ASP C 107 -11.24 -12.25 -21.09
CA ASP C 107 -9.88 -11.86 -20.73
C ASP C 107 -9.67 -12.02 -19.22
N ASN C 108 -10.62 -11.47 -18.46
CA ASN C 108 -10.57 -11.47 -17.01
C ASN C 108 -11.95 -11.11 -16.46
N ILE C 109 -12.14 -11.37 -15.17
CA ILE C 109 -13.38 -11.01 -14.47
C ILE C 109 -13.03 -10.10 -13.28
N TYR C 110 -13.92 -9.19 -12.91
CA TYR C 110 -13.55 -8.18 -11.92
C TYR C 110 -14.77 -7.52 -11.26
N LEU C 111 -14.53 -6.81 -10.16
CA LEU C 111 -15.58 -6.05 -9.46
C LEU C 111 -14.99 -4.99 -8.54
N HIS C 112 -15.86 -4.17 -7.95
CA HIS C 112 -15.45 -3.17 -6.97
C HIS C 112 -15.96 -3.54 -5.59
N VAL C 113 -15.25 -3.08 -4.56
CA VAL C 113 -15.57 -3.42 -3.17
C VAL C 113 -15.17 -2.22 -2.31
N GLN C 114 -16.01 -1.83 -1.35
CA GLN C 114 -15.61 -0.81 -0.40
C GLN C 114 -14.32 -1.31 0.27
N ILE C 115 -13.41 -0.40 0.62
CA ILE C 115 -12.15 -0.88 1.20
C ILE C 115 -12.38 -1.49 2.58
N SER C 116 -13.50 -1.13 3.21
CA SER C 116 -13.80 -1.61 4.56
C SER C 116 -14.33 -3.04 4.57
N ASN C 117 -14.77 -3.52 3.40
CA ASN C 117 -15.30 -4.87 3.26
C ASN C 117 -14.22 -5.97 3.31
N GLU C 118 -13.79 -6.35 4.49
CA GLU C 118 -12.78 -7.39 4.61
C GLU C 118 -13.29 -8.79 4.28
N SER C 119 -14.56 -9.07 4.59
CA SER C 119 -15.08 -10.41 4.28
C SER C 119 -15.11 -10.68 2.77
N ALA C 120 -15.34 -9.65 1.97
CA ALA C 120 -15.33 -9.84 0.53
C ALA C 120 -13.92 -10.10 -0.02
N ILE C 121 -12.96 -9.27 0.38
CA ILE C 121 -11.57 -9.48 0.02
C ILE C 121 -11.11 -10.92 0.30
N ASP C 122 -11.28 -11.37 1.55
CA ASP C 122 -10.98 -12.75 1.95
C ASP C 122 -11.71 -13.78 1.12
N PHE C 123 -12.96 -13.47 0.79
CA PHE C 123 -13.77 -14.39 0.03
C PHE C 123 -13.23 -14.53 -1.40
N TYR C 124 -13.00 -13.40 -2.07
CA TYR C 124 -12.56 -13.44 -3.46
C TYR C 124 -11.12 -13.87 -3.60
N ARG C 125 -10.31 -13.55 -2.61
CA ARG C 125 -8.91 -13.91 -2.67
C ARG C 125 -8.73 -15.42 -2.61
N LYS C 126 -9.57 -16.09 -1.82
CA LYS C 126 -9.54 -17.54 -1.75
C LYS C 126 -9.76 -18.11 -3.14
N PHE C 127 -10.33 -17.27 -4.02
CA PHE C 127 -10.71 -17.69 -5.37
C PHE C 127 -9.78 -17.25 -6.47
N GLY C 128 -8.69 -16.57 -6.12
CA GLY C 128 -7.68 -16.19 -7.09
C GLY C 128 -7.90 -14.83 -7.72
N PHE C 129 -8.64 -13.96 -7.04
CA PHE C 129 -8.74 -12.56 -7.41
C PHE C 129 -7.62 -11.77 -6.72
N GLU C 130 -7.19 -10.67 -7.33
CA GLU C 130 -6.19 -9.76 -6.75
C GLU C 130 -6.70 -8.31 -6.69
N ILE C 131 -6.21 -7.57 -5.71
CA ILE C 131 -6.43 -6.13 -5.70
C ILE C 131 -5.45 -5.52 -6.69
N ILE C 132 -5.96 -5.02 -7.81
CA ILE C 132 -5.11 -4.46 -8.85
C ILE C 132 -5.23 -2.95 -8.87
N GLU C 133 -6.03 -2.39 -7.97
CA GLU C 133 -6.19 -0.96 -7.95
C GLU C 133 -6.94 -0.49 -6.72
N THR C 134 -6.76 0.76 -6.34
CA THR C 134 -7.58 1.35 -5.28
C THR C 134 -8.01 2.73 -5.69
N LYS C 135 -9.25 2.84 -6.18
CA LYS C 135 -9.85 4.08 -6.68
C LYS C 135 -10.33 4.93 -5.54
N LYS C 136 -10.16 6.25 -5.64
CA LYS C 136 -10.63 7.13 -4.57
C LYS C 136 -12.04 7.68 -4.83
N ASN C 137 -12.82 7.75 -3.75
CA ASN C 137 -14.17 8.29 -3.78
C ASN C 137 -15.00 7.75 -4.94
N TYR C 138 -15.03 6.43 -5.07
CA TYR C 138 -15.80 5.72 -6.09
C TYR C 138 -17.30 5.68 -5.75
N TYR C 139 -17.62 5.39 -4.50
CA TYR C 139 -19.01 5.49 -4.04
C TYR C 139 -19.31 6.92 -3.60
N LYS C 140 -20.52 7.40 -3.89
CA LYS C 140 -20.85 8.81 -3.67
C LYS C 140 -21.17 9.19 -2.23
N ARG C 141 -22.10 8.47 -1.60
CA ARG C 141 -22.63 8.91 -0.31
C ARG C 141 -22.35 8.01 0.91
N ILE C 142 -21.79 6.82 0.70
CA ILE C 142 -21.47 5.95 1.82
C ILE C 142 -20.10 6.21 2.48
N GLU C 143 -19.88 5.54 3.62
CA GLU C 143 -18.61 5.59 4.32
C GLU C 143 -18.14 4.17 4.56
N PRO C 144 -16.92 3.85 4.12
CA PRO C 144 -16.02 4.76 3.39
C PRO C 144 -16.32 4.77 1.89
N ALA C 145 -15.74 5.72 1.17
CA ALA C 145 -16.11 5.92 -0.23
C ALA C 145 -15.13 5.28 -1.23
N ASP C 146 -13.93 4.93 -0.77
CA ASP C 146 -12.95 4.36 -1.67
C ASP C 146 -13.24 2.89 -1.96
N ALA C 147 -12.75 2.41 -3.10
CA ALA C 147 -13.06 1.05 -3.52
C ALA C 147 -11.82 0.31 -4.04
N HIS C 148 -11.67 -0.94 -3.63
CA HIS C 148 -10.65 -1.80 -4.24
C HIS C 148 -11.19 -2.34 -5.55
N VAL C 149 -10.30 -2.64 -6.48
CA VAL C 149 -10.67 -3.34 -7.71
C VAL C 149 -10.13 -4.77 -7.65
N LEU C 150 -11.03 -5.72 -7.48
CA LEU C 150 -10.65 -7.12 -7.46
C LEU C 150 -10.78 -7.69 -8.87
N GLN C 151 -9.76 -8.42 -9.32
CA GLN C 151 -9.76 -9.00 -10.65
C GLN C 151 -9.07 -10.36 -10.67
N LYS C 152 -9.61 -11.25 -11.49
CA LYS C 152 -9.01 -12.56 -11.74
C LYS C 152 -8.74 -12.78 -13.24
N ASN C 153 -7.47 -12.98 -13.59
CA ASN C 153 -7.06 -13.21 -14.98
C ASN C 153 -7.47 -14.60 -15.48
N LEU C 154 -7.98 -14.66 -16.69
CA LEU C 154 -8.50 -15.91 -17.23
C LEU C 154 -7.65 -16.46 -18.37
N LYS C 155 -7.28 -15.57 -19.29
CA LYS C 155 -6.50 -15.94 -20.47
C LYS C 155 -5.11 -16.44 -20.09
N MET D 1 -19.79 -4.68 -5.93
CA MET D 1 -20.81 -3.69 -5.66
C MET D 1 -20.61 -2.48 -6.57
N LEU D 2 -21.71 -1.91 -7.04
CA LEU D 2 -21.65 -0.86 -8.06
C LEU D 2 -22.20 0.50 -7.56
N GLY D 3 -21.64 1.58 -8.09
CA GLY D 3 -22.05 2.91 -7.71
C GLY D 3 -22.69 3.68 -8.86
N PRO D 4 -23.42 4.72 -8.53
CA PRO D 4 -24.10 5.54 -9.55
C PRO D 4 -23.23 5.74 -10.78
N SER E 4 2.73 4.69 -21.66
CA SER E 4 1.72 3.71 -21.24
C SER E 4 1.89 3.28 -19.78
N ARG E 5 3.14 3.05 -19.38
CA ARG E 5 3.46 2.34 -18.13
C ARG E 5 4.45 3.13 -17.28
N ILE E 6 3.94 4.01 -16.42
CA ILE E 6 4.80 4.86 -15.59
C ILE E 6 4.87 4.37 -14.15
N GLU E 7 6.09 4.08 -13.68
CA GLU E 7 6.30 3.48 -12.35
C GLU E 7 7.47 4.10 -11.59
N LEU E 8 7.43 4.06 -10.26
CA LEU E 8 8.60 4.46 -9.47
C LEU E 8 9.43 3.25 -9.00
N GLY E 9 10.63 3.49 -8.54
CA GLY E 9 11.49 2.39 -8.16
C GLY E 9 12.44 2.87 -7.10
N ASP E 10 13.11 1.94 -6.43
CA ASP E 10 14.02 2.30 -5.37
C ASP E 10 15.37 2.60 -5.95
N VAL E 11 16.13 3.45 -5.27
CA VAL E 11 17.53 3.64 -5.62
C VAL E 11 18.37 2.76 -4.69
N THR E 12 19.37 2.12 -5.28
CA THR E 12 20.16 1.12 -4.58
C THR E 12 21.54 1.12 -5.18
N PRO E 13 22.53 0.56 -4.47
CA PRO E 13 23.90 0.66 -5.01
C PRO E 13 24.01 0.02 -6.40
N HIS E 14 23.08 -0.89 -6.73
CA HIS E 14 23.07 -1.54 -8.03
C HIS E 14 22.83 -0.52 -9.14
N ASN E 15 21.85 0.36 -8.94
CA ASN E 15 21.44 1.29 -9.98
C ASN E 15 21.77 2.76 -9.72
N ILE E 16 22.49 3.04 -8.65
CA ILE E 16 22.91 4.41 -8.37
C ILE E 16 23.69 4.98 -9.58
N LYS E 17 24.44 4.13 -10.26
CA LYS E 17 25.18 4.51 -11.47
C LYS E 17 24.29 5.25 -12.47
N GLN E 18 23.15 4.64 -12.76
CA GLN E 18 22.23 5.20 -13.75
C GLN E 18 21.60 6.50 -13.27
N LEU E 19 21.33 6.59 -11.98
CA LEU E 19 20.83 7.81 -11.40
C LEU E 19 21.76 8.97 -11.71
N LYS E 20 23.07 8.77 -11.54
CA LYS E 20 24.02 9.83 -11.83
C LYS E 20 24.02 10.16 -13.32
N ARG E 21 23.88 9.14 -14.15
CA ARG E 21 23.87 9.33 -15.59
C ARG E 21 22.68 10.19 -16.04
N LEU E 22 21.55 10.07 -15.35
CA LEU E 22 20.38 10.89 -15.71
C LEU E 22 20.57 12.31 -15.21
N ASN E 23 21.06 12.46 -14.00
CA ASN E 23 21.22 13.78 -13.43
C ASN E 23 22.22 14.69 -14.16
N GLN E 24 23.18 14.10 -14.85
CA GLN E 24 24.12 14.89 -15.63
C GLN E 24 23.47 15.42 -16.90
N VAL E 25 22.62 14.61 -17.51
CA VAL E 25 21.94 15.03 -18.73
C VAL E 25 20.91 16.10 -18.39
N ILE E 26 20.12 15.85 -17.36
CA ILE E 26 18.99 16.69 -17.01
C ILE E 26 19.37 18.05 -16.43
N PHE E 27 20.30 18.05 -15.48
CA PHE E 27 20.62 19.26 -14.72
C PHE E 27 21.97 19.87 -15.08
N PRO E 28 22.02 21.21 -15.13
CA PRO E 28 23.23 21.96 -15.50
C PRO E 28 24.34 21.95 -14.44
N VAL E 29 24.02 21.61 -13.20
CA VAL E 29 25.05 21.51 -12.16
C VAL E 29 25.43 20.05 -11.92
N SER E 30 26.66 19.82 -11.48
CA SER E 30 27.17 18.46 -11.28
C SER E 30 27.40 18.14 -9.80
N TYR E 31 26.82 17.04 -9.33
CA TYR E 31 26.90 16.71 -7.89
C TYR E 31 28.02 15.74 -7.55
N ASN E 32 28.69 16.05 -6.44
CA ASN E 32 29.86 15.30 -6.01
C ASN E 32 29.51 13.92 -5.44
N ASP E 33 30.52 13.16 -5.03
CA ASP E 33 30.28 11.82 -4.53
C ASP E 33 29.54 11.83 -3.19
N LYS E 34 29.55 12.97 -2.51
CA LYS E 34 28.83 13.13 -1.25
C LYS E 34 27.33 13.01 -1.46
N PHE E 35 26.85 13.72 -2.50
CA PHE E 35 25.45 13.77 -2.89
C PHE E 35 24.86 12.36 -3.04
N TYR E 36 25.47 11.58 -3.91
CA TYR E 36 24.94 10.26 -4.23
C TYR E 36 25.16 9.28 -3.10
N LYS E 37 26.10 9.59 -2.22
CA LYS E 37 26.31 8.80 -1.02
C LYS E 37 25.09 8.94 -0.13
N ASP E 38 24.65 10.17 0.08
CA ASP E 38 23.53 10.40 0.99
C ASP E 38 22.19 9.89 0.46
N VAL E 39 22.01 9.84 -0.86
CA VAL E 39 20.72 9.41 -1.41
C VAL E 39 20.42 7.94 -1.16
N LEU E 40 21.46 7.12 -1.01
CA LEU E 40 21.26 5.71 -0.70
C LEU E 40 20.74 5.53 0.71
N GLU E 41 20.93 6.55 1.53
CA GLU E 41 20.55 6.47 2.92
C GLU E 41 19.28 7.24 3.30
N VAL E 42 18.56 7.79 2.32
CA VAL E 42 17.33 8.56 2.62
C VAL E 42 16.04 7.81 2.33
N GLY E 43 16.15 6.52 2.05
CA GLY E 43 14.98 5.68 1.85
C GLY E 43 14.11 6.07 0.68
N GLU E 44 12.82 6.22 0.95
CA GLU E 44 11.82 6.54 -0.05
C GLU E 44 11.88 7.98 -0.60
N LEU E 45 12.71 8.84 -0.01
CA LEU E 45 12.86 10.22 -0.51
C LEU E 45 13.74 10.30 -1.77
N ALA E 46 14.04 9.14 -2.34
CA ALA E 46 14.82 9.04 -3.55
C ALA E 46 14.23 7.94 -4.40
N LYS E 47 13.90 8.24 -5.66
CA LYS E 47 13.25 7.25 -6.52
C LYS E 47 13.62 7.39 -7.99
N LEU E 48 13.69 6.26 -8.69
CA LEU E 48 13.85 6.26 -10.13
C LEU E 48 12.47 6.25 -10.81
N ALA E 49 12.35 6.93 -11.94
CA ALA E 49 11.10 6.94 -12.70
C ALA E 49 11.29 6.21 -14.00
N TYR E 50 10.34 5.32 -14.32
CA TYR E 50 10.41 4.50 -15.53
C TYR E 50 9.25 4.68 -16.47
N PHE E 51 9.56 4.59 -17.76
CA PHE E 51 8.56 4.59 -18.81
C PHE E 51 8.76 3.30 -19.55
N ASN E 52 7.68 2.55 -19.78
CA ASN E 52 7.77 1.16 -20.24
C ASN E 52 9.09 0.44 -19.89
N ASP E 53 9.41 0.43 -18.60
CA ASP E 53 10.66 -0.15 -18.09
C ASP E 53 11.96 0.56 -18.46
N ILE E 54 11.90 1.78 -19.02
CA ILE E 54 13.12 2.55 -19.26
C ILE E 54 13.30 3.62 -18.18
N ALA E 55 14.50 3.72 -17.65
CA ALA E 55 14.76 4.69 -16.61
C ALA E 55 14.87 6.06 -17.26
N VAL E 56 13.92 6.94 -16.98
CA VAL E 56 13.90 8.20 -17.71
C VAL E 56 13.89 9.42 -16.81
N GLY E 57 13.86 9.21 -15.50
CA GLY E 57 13.88 10.33 -14.57
C GLY E 57 14.11 9.93 -13.12
N ALA E 58 14.21 10.91 -12.24
CA ALA E 58 14.54 10.63 -10.86
C ALA E 58 14.30 11.84 -9.97
N VAL E 59 13.95 11.57 -8.72
CA VAL E 59 13.76 12.63 -7.73
C VAL E 59 14.59 12.36 -6.50
N CYS E 60 15.33 13.35 -6.01
CA CYS E 60 16.12 13.20 -4.78
C CYS E 60 15.83 14.26 -3.72
N CYS E 61 15.42 13.81 -2.53
CA CYS E 61 15.07 14.74 -1.45
C CYS E 61 15.86 14.53 -0.16
N ARG E 62 15.73 15.48 0.76
CA ARG E 62 16.47 15.49 2.02
C ARG E 62 15.63 16.25 3.06
N VAL E 63 15.66 15.80 4.32
CA VAL E 63 14.97 16.53 5.40
C VAL E 63 15.84 17.65 6.00
N ASP E 64 15.24 18.81 6.16
CA ASP E 64 15.96 20.04 6.43
C ASP E 64 15.50 20.67 7.73
N HIS E 65 16.43 20.90 8.65
CA HIS E 65 16.06 21.56 9.90
C HIS E 65 16.64 22.97 9.98
N SER E 66 15.98 23.88 9.30
CA SER E 66 16.43 25.27 9.27
C SER E 66 15.30 26.17 9.73
N GLN E 67 15.62 27.41 10.07
CA GLN E 67 14.59 28.39 10.39
C GLN E 67 13.68 27.95 11.52
N ASN E 68 14.15 27.02 12.35
CA ASN E 68 13.31 26.50 13.42
C ASN E 68 12.07 25.81 12.87
N GLN E 69 12.31 24.96 11.88
CA GLN E 69 11.24 24.30 11.12
C GLN E 69 11.70 22.95 10.60
N LYS E 70 10.73 22.08 10.35
CA LYS E 70 10.99 20.79 9.73
C LYS E 70 10.50 20.85 8.31
N ARG E 71 11.43 21.03 7.37
CA ARG E 71 11.11 21.28 5.97
C ARG E 71 11.57 20.12 5.12
N LEU E 72 10.84 19.87 4.04
CA LEU E 72 11.19 18.82 3.10
C LEU E 72 11.86 19.50 1.90
N TYR E 73 13.15 19.24 1.70
CA TYR E 73 13.88 19.88 0.61
C TYR E 73 14.03 18.99 -0.62
N ILE E 74 13.55 19.50 -1.75
CA ILE E 74 13.73 18.80 -3.04
C ILE E 74 15.03 19.27 -3.68
N MET E 75 16.03 18.40 -3.69
CA MET E 75 17.32 18.76 -4.26
C MET E 75 17.22 18.74 -5.78
N THR E 76 16.68 17.65 -6.32
CA THR E 76 16.54 17.47 -7.75
C THR E 76 15.36 16.56 -8.08
N LEU E 77 14.54 17.00 -9.03
CA LEU E 77 13.43 16.21 -9.55
C LEU E 77 13.28 16.58 -11.01
N GLY E 78 13.40 15.60 -11.91
CA GLY E 78 13.26 15.90 -13.33
C GLY E 78 13.22 14.68 -14.23
N CYS E 79 12.88 14.87 -15.50
CA CYS E 79 12.99 13.76 -16.46
C CYS E 79 13.52 14.17 -17.83
N LEU E 80 14.05 13.19 -18.56
CA LEU E 80 14.62 13.46 -19.87
C LEU E 80 13.60 14.18 -20.73
N ALA E 81 14.10 15.20 -21.43
CA ALA E 81 13.31 16.05 -22.31
C ALA E 81 12.28 15.28 -23.16
N PRO E 82 12.73 14.29 -23.96
CA PRO E 82 11.79 13.55 -24.84
C PRO E 82 10.63 12.87 -24.11
N TYR E 83 10.64 12.81 -22.78
CA TYR E 83 9.61 12.13 -22.00
C TYR E 83 8.74 13.07 -21.17
N ARG E 84 8.90 14.38 -21.37
CA ARG E 84 8.18 15.35 -20.57
C ARG E 84 6.71 15.48 -20.94
N ARG E 85 5.96 16.21 -20.12
CA ARG E 85 4.52 16.41 -20.32
C ARG E 85 3.75 15.12 -20.47
N LEU E 86 4.17 14.09 -19.73
CA LEU E 86 3.50 12.78 -19.79
C LEU E 86 3.04 12.35 -18.41
N GLY E 87 3.18 13.25 -17.44
CA GLY E 87 2.80 12.96 -16.07
C GLY E 87 3.87 12.30 -15.23
N ILE E 88 5.05 12.08 -15.79
CA ILE E 88 6.15 11.51 -15.02
C ILE E 88 6.54 12.37 -13.82
N GLY E 89 6.82 13.64 -14.08
CA GLY E 89 7.19 14.55 -13.02
C GLY E 89 6.11 14.62 -11.96
N THR E 90 4.86 14.37 -12.35
CA THR E 90 3.73 14.46 -11.42
C THR E 90 3.68 13.24 -10.46
N LYS E 91 3.94 12.08 -11.02
CA LYS E 91 4.11 10.85 -10.28
C LYS E 91 5.16 11.08 -9.21
N MET E 92 6.29 11.70 -9.59
CA MET E 92 7.36 11.93 -8.62
C MET E 92 6.94 12.93 -7.53
N LEU E 93 6.34 14.05 -7.91
CA LEU E 93 5.95 15.05 -6.90
C LEU E 93 4.95 14.53 -5.88
N ASN E 94 3.94 13.79 -6.33
CA ASN E 94 2.92 13.28 -5.43
C ASN E 94 3.48 12.27 -4.44
N HIS E 95 4.31 11.35 -4.92
CA HIS E 95 4.98 10.38 -4.07
C HIS E 95 5.55 11.09 -2.85
N VAL E 96 6.28 12.17 -3.09
CA VAL E 96 6.85 12.95 -2.00
C VAL E 96 5.77 13.59 -1.12
N LEU E 97 4.85 14.33 -1.72
CA LEU E 97 3.78 14.96 -0.95
C LEU E 97 3.05 13.98 -0.02
N ASN E 98 2.87 12.73 -0.49
CA ASN E 98 2.26 11.69 0.33
C ASN E 98 3.08 11.34 1.53
N ILE E 99 4.36 11.11 1.32
CA ILE E 99 5.21 10.87 2.44
C ILE E 99 4.97 11.94 3.48
N CYS E 100 4.88 13.18 3.03
CA CYS E 100 4.73 14.29 3.98
C CYS E 100 3.37 14.27 4.65
N GLU E 101 2.36 13.91 3.87
CA GLU E 101 0.99 13.89 4.37
C GLU E 101 0.86 12.89 5.51
N LYS E 102 1.31 11.67 5.26
CA LYS E 102 1.21 10.57 6.21
C LYS E 102 2.04 10.88 7.43
N ASP E 103 3.21 11.47 7.19
CA ASP E 103 4.13 11.83 8.27
C ASP E 103 3.54 12.92 9.14
N GLY E 104 2.95 13.94 8.53
CA GLY E 104 2.19 14.95 9.25
C GLY E 104 2.98 15.95 10.08
N THR E 105 4.31 15.88 10.05
CA THR E 105 5.13 16.74 10.90
C THR E 105 6.03 17.72 10.15
N PHE E 106 5.73 17.97 8.87
CA PHE E 106 6.49 18.95 8.10
C PHE E 106 5.79 20.30 8.06
N ASP E 107 6.56 21.37 7.96
CA ASP E 107 5.98 22.70 7.92
C ASP E 107 5.79 23.14 6.47
N ASN E 108 6.76 22.78 5.64
CA ASN E 108 6.69 23.14 4.25
C ASN E 108 7.65 22.29 3.45
N ILE E 109 7.58 22.46 2.15
CA ILE E 109 8.47 21.76 1.25
C ILE E 109 8.93 22.81 0.26
N TYR E 110 10.19 22.76 -0.12
CA TYR E 110 10.72 23.83 -0.93
C TYR E 110 11.83 23.34 -1.83
N LEU E 111 12.24 24.18 -2.77
CA LEU E 111 13.33 23.85 -3.67
C LEU E 111 13.87 25.11 -4.32
N HIS E 112 14.94 24.95 -5.10
CA HIS E 112 15.56 26.07 -5.80
C HIS E 112 15.40 25.94 -7.28
N VAL E 113 14.94 27.01 -7.90
CA VAL E 113 14.81 27.04 -9.34
C VAL E 113 15.61 28.20 -9.89
N GLN E 114 16.44 27.92 -10.88
CA GLN E 114 17.09 28.93 -11.69
C GLN E 114 16.01 29.87 -12.26
N ILE E 115 16.24 31.19 -12.20
CA ILE E 115 15.20 32.14 -12.63
C ILE E 115 14.73 31.98 -14.08
N SER E 116 15.58 31.47 -14.97
CA SER E 116 15.20 31.33 -16.38
C SER E 116 14.40 30.07 -16.72
N ASN E 117 13.98 29.32 -15.70
CA ASN E 117 13.30 28.03 -15.89
C ASN E 117 11.76 28.12 -15.87
N GLU E 118 11.16 28.53 -16.98
CA GLU E 118 9.74 28.78 -17.02
C GLU E 118 8.90 27.53 -16.81
N SER E 119 9.35 26.41 -17.39
CA SER E 119 8.63 25.14 -17.28
C SER E 119 8.51 24.62 -15.83
N ALA E 120 9.59 24.73 -15.06
CA ALA E 120 9.62 24.35 -13.63
C ALA E 120 8.77 25.30 -12.78
N ILE E 121 8.91 26.60 -12.99
CA ILE E 121 8.07 27.57 -12.30
C ILE E 121 6.60 27.22 -12.54
N ASP E 122 6.28 26.89 -13.79
CA ASP E 122 4.89 26.59 -14.15
C ASP E 122 4.38 25.28 -13.59
N PHE E 123 5.24 24.26 -13.61
CA PHE E 123 4.96 22.97 -13.02
C PHE E 123 4.62 23.13 -11.53
N TYR E 124 5.56 23.66 -10.75
CA TYR E 124 5.39 23.81 -9.32
C TYR E 124 4.25 24.76 -8.89
N ARG E 125 4.02 25.83 -9.65
CA ARG E 125 2.90 26.72 -9.36
C ARG E 125 1.58 25.98 -9.49
N LYS E 126 1.48 25.14 -10.52
CA LYS E 126 0.30 24.33 -10.74
C LYS E 126 0.02 23.49 -9.48
N PHE E 127 1.06 23.21 -8.71
CA PHE E 127 0.93 22.36 -7.52
C PHE E 127 0.73 23.16 -6.23
N GLY E 128 0.67 24.48 -6.35
CA GLY E 128 0.41 25.32 -5.20
C GLY E 128 1.68 25.86 -4.55
N PHE E 129 2.80 25.74 -5.26
CA PHE E 129 4.05 26.35 -4.82
C PHE E 129 4.08 27.84 -5.18
N GLU E 130 4.56 28.67 -4.24
CA GLU E 130 4.76 30.11 -4.48
C GLU E 130 6.25 30.40 -4.46
N ILE E 131 6.71 31.30 -5.35
CA ILE E 131 8.06 31.87 -5.22
C ILE E 131 8.03 32.86 -4.07
N ILE E 132 8.78 32.56 -3.00
CA ILE E 132 8.76 33.40 -1.79
C ILE E 132 10.00 34.27 -1.64
N GLU E 133 10.97 34.09 -2.53
CA GLU E 133 12.25 34.76 -2.43
C GLU E 133 13.11 34.47 -3.64
N THR E 134 13.95 35.43 -4.02
CA THR E 134 14.85 35.24 -5.16
C THR E 134 16.25 35.48 -4.67
N LYS E 135 17.13 34.51 -4.83
CA LYS E 135 18.48 34.58 -4.29
C LYS E 135 19.49 34.97 -5.35
N LYS E 136 20.17 36.09 -5.15
CA LYS E 136 21.12 36.54 -6.16
C LYS E 136 22.40 35.72 -6.13
N ASN E 137 22.84 35.30 -7.31
CA ASN E 137 24.01 34.46 -7.50
C ASN E 137 24.06 33.24 -6.58
N TYR E 138 23.02 32.41 -6.66
CA TYR E 138 22.95 31.18 -5.88
C TYR E 138 23.75 30.08 -6.56
N TYR E 139 23.68 30.03 -7.89
CA TYR E 139 24.46 29.08 -8.67
C TYR E 139 25.79 29.71 -9.06
N LYS E 140 26.86 28.92 -8.93
CA LYS E 140 28.20 29.48 -9.02
C LYS E 140 28.60 29.83 -10.44
N ARG E 141 28.54 28.86 -11.34
CA ARG E 141 29.13 29.03 -12.67
C ARG E 141 28.16 29.03 -13.83
N ILE E 142 26.91 28.69 -13.58
CA ILE E 142 25.94 28.66 -14.69
C ILE E 142 25.29 30.02 -14.95
N GLU E 143 24.64 30.13 -16.11
CA GLU E 143 23.92 31.32 -16.48
C GLU E 143 22.47 30.98 -16.72
N PRO E 144 21.55 31.76 -16.13
CA PRO E 144 21.84 32.82 -15.15
C PRO E 144 22.22 32.21 -13.82
N ALA E 145 22.59 33.02 -12.82
CA ALA E 145 23.05 32.48 -11.55
C ALA E 145 22.12 32.74 -10.38
N ASP E 146 21.08 33.54 -10.60
CA ASP E 146 20.07 33.77 -9.56
C ASP E 146 19.09 32.61 -9.50
N ALA E 147 18.57 32.34 -8.30
CA ALA E 147 17.61 31.26 -8.13
C ALA E 147 16.38 31.73 -7.36
N HIS E 148 15.20 31.32 -7.83
CA HIS E 148 13.98 31.49 -7.07
C HIS E 148 13.88 30.39 -6.01
N VAL E 149 13.23 30.71 -4.92
CA VAL E 149 12.91 29.71 -3.92
C VAL E 149 11.44 29.39 -4.06
N LEU E 150 11.13 28.15 -4.41
CA LEU E 150 9.74 27.72 -4.50
C LEU E 150 9.35 26.94 -3.24
N GLN E 151 8.22 27.31 -2.62
CA GLN E 151 7.79 26.69 -1.35
C GLN E 151 6.28 26.48 -1.26
N LYS E 152 5.89 25.35 -0.66
CA LYS E 152 4.48 25.07 -0.41
C LYS E 152 4.24 24.80 1.06
N ASN E 153 3.23 25.45 1.63
CA ASN E 153 2.92 25.27 3.03
C ASN E 153 2.19 23.96 3.26
N LEU E 154 2.59 23.24 4.29
CA LEU E 154 1.94 21.98 4.66
C LEU E 154 1.06 22.16 5.92
N LYS E 155 1.62 22.79 6.94
CA LYS E 155 0.87 23.09 8.17
C LYS E 155 -0.29 24.06 7.92
N MET F 1 16.56 22.61 -7.91
CA MET F 1 17.92 22.23 -8.26
C MET F 1 18.95 22.74 -7.24
N LEU F 2 19.45 21.82 -6.39
CA LEU F 2 20.44 22.14 -5.36
C LEU F 2 21.71 22.77 -5.95
N GLY F 3 22.18 23.85 -5.33
CA GLY F 3 23.46 24.42 -5.71
C GLY F 3 24.50 24.22 -4.60
N PRO F 4 25.73 23.91 -5.01
CA PRO F 4 26.81 23.77 -4.05
C PRO F 4 26.71 24.79 -2.92
N1A COA G . 1.66 -20.40 5.15
C2A COA G . 2.80 -20.76 4.52
N3A COA G . 3.81 -19.90 4.33
C4A COA G . 3.71 -18.61 4.77
C5A COA G . 2.54 -18.22 5.42
C6A COA G . 1.52 -19.14 5.60
N6A COA G . 0.38 -18.74 6.21
N7A COA G . 2.67 -16.92 5.75
C8A COA G . 3.89 -16.51 5.32
N9A COA G . 4.51 -17.54 4.74
C1B COA G . 5.86 -17.50 4.13
C2B COA G . 5.67 -17.74 2.65
O2B COA G . 6.79 -18.45 2.16
C3B COA G . 5.56 -16.33 2.11
O3B COA G . 5.93 -16.25 0.74
P3B COA G . 4.77 -16.49 -0.35
O7A COA G . 5.46 -16.11 -1.64
O8A COA G . 4.48 -17.98 -0.20
O9A COA G . 3.67 -15.53 0.05
C4B COA G . 6.57 -15.59 2.95
O4B COA G . 6.42 -16.18 4.24
C5B COA G . 6.34 -14.08 2.94
O5B COA G . 4.98 -13.76 3.21
P1A COA G . 4.53 -12.20 3.28
O1A COA G . 3.36 -11.96 2.36
O2A COA G . 5.72 -11.30 3.19
O3A COA G . 3.98 -12.22 4.78
P2A COA G . 2.76 -11.34 5.35
O4A COA G . 2.86 -9.92 4.88
O5A COA G . 1.46 -12.10 5.18
O6A COA G . 3.22 -11.42 6.90
CBP COA G . 2.84 -12.38 9.11
CCP COA G . 3.17 -12.64 7.64
CDP COA G . 3.44 -13.50 9.96
CEP COA G . 3.46 -11.07 9.59
CAP COA G . 1.30 -12.32 9.18
OAP COA G . 0.69 -13.59 8.91
C9P COA G . 0.74 -11.77 10.46
O9P COA G . 0.37 -10.50 10.52
N8P COA G . 0.62 -12.54 11.53
C7P COA G . 0.09 -12.11 12.81
C6P COA G . 1.20 -11.32 13.48
C5P COA G . 2.21 -12.22 14.15
O5P COA G . 1.86 -13.12 14.91
N4P COA G . 3.49 -11.96 13.90
C3P COA G . 4.66 -12.66 14.42
C2P COA G . 5.73 -11.59 14.64
S1P COA G . 5.46 -10.84 16.27
N1A COA H . -13.97 -14.12 6.65
C2A COA H . -12.98 -14.91 6.20
N3A COA H . -13.17 -15.71 5.15
C4A COA H . -14.37 -15.75 4.51
C5A COA H . -15.41 -14.95 4.94
C6A COA H . -15.18 -14.11 6.04
N6A COA H . -16.17 -13.30 6.50
N7A COA H . -16.47 -15.19 4.13
C8A COA H . -16.10 -16.11 3.22
N9A COA H . -14.81 -16.44 3.47
C1B COA H . -13.98 -17.40 2.73
C2B COA H . -13.77 -18.60 3.60
O2B COA H . -12.52 -19.18 3.22
C3B COA H . -14.94 -19.49 3.20
O3B COA H . -14.70 -20.86 3.47
P3B COA H . -15.13 -21.39 4.92
O7A COA H . -15.16 -22.89 4.66
O8A COA H . -14.05 -20.91 5.87
O9A COA H . -16.49 -20.76 5.14
C4B COA H . -15.10 -19.22 1.72
O4B COA H . -14.70 -17.85 1.58
C5B COA H . -16.51 -19.50 1.18
O5B COA H . -17.50 -18.76 1.89
P1A COA H . -19.07 -18.97 1.59
O1A COA H . -19.72 -19.80 2.69
O2A COA H . -19.20 -19.34 0.15
O3A COA H . -19.37 -17.42 1.85
P2A COA H . -20.79 -16.68 1.82
O4A COA H . -21.77 -17.46 1.00
O5A COA H . -21.12 -16.25 3.22
O6A COA H . -20.25 -15.38 1.03
CBP COA H . -20.22 -13.04 0.61
CCP COA H . -21.08 -14.24 0.95
CDP COA H . -20.75 -11.89 -0.25
CEP COA H . -18.87 -12.84 1.30
CAP COA H . -20.98 -12.51 1.84
OAP COA H . -20.11 -12.37 2.97
C9P COA H . -21.81 -11.25 1.70
O9P COA H . -23.09 -11.28 1.29
N8P COA H . -21.28 -10.06 1.97
C7P COA H . -22.05 -8.83 1.84
C6P COA H . -22.22 -8.54 0.34
C5P COA H . -20.87 -8.26 -0.27
O5P COA H . -20.08 -7.54 0.31
N4P COA H . -20.59 -8.80 -1.45
C3P COA H . -19.34 -8.63 -2.15
C2P COA H . -19.50 -7.34 -2.97
S1P COA H . -20.51 -7.67 -4.43
N1A COA I . 4.75 24.76 -19.57
C2A COA I . 3.55 24.94 -19.03
N3A COA I . 3.06 24.10 -18.10
C4A COA I . 3.78 23.03 -17.68
C5A COA I . 5.05 22.81 -18.23
C6A COA I . 5.53 23.71 -19.20
N6A COA I . 6.76 23.53 -19.75
N7A COA I . 5.56 21.71 -17.66
C8A COA I . 4.64 21.25 -16.78
N9A COA I . 3.55 22.04 -16.78
C1B COA I . 2.33 21.84 -15.94
C2B COA I . 1.13 21.61 -16.84
O2B COA I . -0.10 21.92 -16.17
C3B COA I . 1.18 20.12 -17.07
O3B COA I . -0.08 19.51 -17.20
P3B COA I . -0.41 18.95 -18.66
O7A COA I . -1.65 18.15 -18.36
O8A COA I . -0.62 20.21 -19.49
O9A COA I . 0.85 18.15 -19.01
C4B COA I . 1.80 19.54 -15.85
O4B COA I . 2.47 20.62 -15.18
C5B COA I . 2.73 18.49 -16.44
O5B COA I . 3.32 17.68 -15.46
P1A COA I . 4.23 16.49 -15.98
O1A COA I . 3.92 16.14 -17.42
O2A COA I . 4.28 15.41 -14.92
O3A COA I . 5.57 17.31 -15.96
P2A COA I . 6.95 16.77 -16.55
O4A COA I . 7.22 15.36 -16.11
O5A COA I . 7.06 17.11 -18.02
O6A COA I . 7.77 17.88 -15.72
CBP COA I . 9.77 18.85 -14.69
CCP COA I . 9.09 17.62 -15.27
CDP COA I . 11.10 18.68 -13.95
CEP COA I . 9.29 20.27 -14.96
CAP COA I . 10.47 18.76 -16.07
OAP COA I . 10.05 19.77 -17.00
C9P COA I . 11.98 18.65 -16.06
O9P COA I . 12.55 17.47 -16.27
N8P COA I . 12.75 19.72 -15.85
C7P COA I . 14.20 19.65 -15.82
C6P COA I . 14.54 19.49 -14.36
C5P COA I . 14.15 20.70 -13.53
O5P COA I . 14.29 21.82 -13.96
N4P COA I . 13.70 20.46 -12.30
C3P COA I . 13.28 21.43 -11.30
C2P COA I . 13.37 20.68 -9.96
S1P COA I . 15.11 20.71 -9.47
#